data_7OIT
#
_entry.id   7OIT
#
_cell.length_a   66.364
_cell.length_b   66.364
_cell.length_c   161.556
_cell.angle_alpha   90.000
_cell.angle_beta   90.000
_cell.angle_gamma   120.000
#
_symmetry.space_group_name_H-M   'P 32 2 1'
#
loop_
_entity.id
_entity.type
_entity.pdbx_description
1 polymer 'AP-2 complex subunit mu'
2 polymer 'F-BAR domain only protein 2'
3 non-polymer GLYCEROL
4 water water
#
loop_
_entity_poly.entity_id
_entity_poly.type
_entity_poly.pdbx_seq_one_letter_code
_entity_poly.pdbx_strand_id
1 'polypeptide(L)'
;MHHHHHHQIGWRREGIKYRRNELFLDVLESVNLLMSPQGQVLSAHVSGRVVMKSYLSGMPECKFGMNDKIVIEKQGKGTA
DETSKSGKQSIAIDDCTFHQCVRLSKFDSERSISFIPPDGEFELMRYRTTKDIILPFRVIPLVREVGRTKLEVKVVIKSN
FKPSLLAQKIEVRIPTPLNTSGVQVICMKGKAKYKASENAIVWKIKRMAGMKESQISAEIELLPTNDKKKWARPPISMNF
EVPFAPSGLKVRYLKVFEPKLNYSDHDVIKWVRYIGRSGIYETRC
;
AAA
2 'polypeptide(L)' SDLLAWDPLFG BBB
#
# COMPACT_ATOMS: atom_id res chain seq x y z
N GLY A 10 10.29 -30.74 -6.34
CA GLY A 10 11.45 -30.22 -5.53
C GLY A 10 11.04 -29.38 -4.33
N TRP A 11 9.81 -28.82 -4.30
CA TRP A 11 9.39 -27.76 -3.34
C TRP A 11 8.56 -28.30 -2.19
N ARG A 12 8.13 -29.55 -2.30
CA ARG A 12 7.09 -30.11 -1.41
C ARG A 12 7.37 -31.61 -1.20
N ARG A 13 7.41 -32.06 0.05
CA ARG A 13 7.53 -33.49 0.40
C ARG A 13 6.20 -34.19 0.12
N GLU A 14 6.29 -35.48 -0.18
CA GLU A 14 5.12 -36.37 -0.37
C GLU A 14 4.55 -36.67 1.00
N GLY A 15 3.26 -37.00 1.06
CA GLY A 15 2.63 -37.50 2.30
C GLY A 15 2.14 -36.44 3.25
N ILE A 16 2.07 -35.17 2.84
CA ILE A 16 1.51 -34.09 3.72
C ILE A 16 0.02 -34.33 3.93
N LYS A 17 -0.43 -34.25 5.18
CA LYS A 17 -1.86 -34.44 5.52
C LYS A 17 -2.28 -33.37 6.51
N TYR A 18 -3.38 -32.69 6.20
CA TYR A 18 -4.07 -31.79 7.14
C TYR A 18 -5.54 -32.19 7.21
N ARG A 19 -6.11 -32.14 8.41
CA ARG A 19 -7.56 -32.32 8.69
C ARG A 19 -8.34 -31.13 8.08
N ARG A 20 -7.71 -29.95 8.05
CA ARG A 20 -8.36 -28.69 7.59
C ARG A 20 -7.52 -28.10 6.43
N ASN A 21 -7.99 -28.25 5.21
CA ASN A 21 -7.33 -27.69 4.00
C ASN A 21 -7.71 -26.19 3.95
N GLU A 22 -6.68 -25.34 3.99
CA GLU A 22 -6.92 -23.88 4.16
C GLU A 22 -5.72 -23.13 3.58
N LEU A 23 -5.99 -21.93 3.06
CA LEU A 23 -4.88 -21.10 2.55
C LEU A 23 -5.23 -19.64 2.79
N PHE A 24 -4.16 -18.85 2.85
CA PHE A 24 -4.20 -17.40 3.11
C PHE A 24 -3.27 -16.71 2.10
N LEU A 25 -3.79 -15.72 1.36
CA LEU A 25 -3.01 -14.91 0.43
C LEU A 25 -2.89 -13.51 1.01
N ASP A 26 -1.66 -13.01 1.09
CA ASP A 26 -1.37 -11.66 1.62
C ASP A 26 -0.81 -10.85 0.46
N VAL A 27 -1.50 -9.80 0.08
CA VAL A 27 -1.12 -8.86 -0.97
C VAL A 27 -0.53 -7.63 -0.27
N LEU A 28 0.78 -7.48 -0.36
CA LEU A 28 1.54 -6.49 0.42
C LEU A 28 2.15 -5.51 -0.57
N GLU A 29 1.78 -4.22 -0.44
CA GLU A 29 2.22 -3.24 -1.43
C GLU A 29 2.78 -2.01 -0.70
N SER A 30 3.78 -1.43 -1.32
CA SER A 30 4.37 -0.12 -0.92
C SER A 30 4.08 0.86 -2.04
N VAL A 31 3.42 1.98 -1.72
CA VAL A 31 3.11 3.00 -2.72
C VAL A 31 4.03 4.22 -2.48
N ASN A 32 4.59 4.66 -3.58
CA ASN A 32 5.64 5.72 -3.58
C ASN A 32 5.19 6.84 -4.48
N LEU A 33 5.50 8.10 -4.09
CA LEU A 33 5.07 9.28 -4.82
C LEU A 33 6.08 10.39 -4.59
N LEU A 34 6.32 11.13 -5.67
CA LEU A 34 6.88 12.51 -5.57
C LEU A 34 5.95 13.40 -6.35
N MET A 35 5.31 14.34 -5.65
CA MET A 35 4.35 15.28 -6.24
C MET A 35 4.94 16.71 -6.20
N SER A 36 4.76 17.44 -7.28
CA SER A 36 5.16 18.87 -7.38
C SER A 36 4.20 19.69 -6.53
N PRO A 37 4.55 20.95 -6.21
CA PRO A 37 3.58 21.82 -5.54
C PRO A 37 2.38 22.15 -6.43
N GLN A 38 2.47 22.01 -7.75
CA GLN A 38 1.33 22.28 -8.67
C GLN A 38 0.48 21.01 -8.88
N GLY A 39 0.59 20.00 -8.01
CA GLY A 39 -0.16 18.73 -8.16
C GLY A 39 0.25 17.96 -9.41
N GLN A 40 1.50 18.06 -9.87
CA GLN A 40 1.99 17.20 -10.96
C GLN A 40 2.70 15.96 -10.36
N VAL A 41 2.36 14.76 -10.82
CA VAL A 41 3.08 13.56 -10.34
C VAL A 41 4.46 13.57 -11.03
N LEU A 42 5.51 13.73 -10.25
CA LEU A 42 6.87 13.69 -10.82
C LEU A 42 7.33 12.23 -10.93
N SER A 43 6.93 11.41 -9.96
CA SER A 43 7.25 9.96 -9.98
C SER A 43 6.22 9.27 -9.12
N ALA A 44 5.93 8.01 -9.46
CA ALA A 44 5.11 7.17 -8.58
C ALA A 44 5.35 5.73 -8.98
N HIS A 45 5.35 4.85 -8.00
CA HIS A 45 5.33 3.42 -8.32
C HIS A 45 4.78 2.67 -7.12
N VAL A 46 4.39 1.43 -7.40
CA VAL A 46 4.04 0.43 -6.40
C VAL A 46 5.00 -0.76 -6.53
N SER A 47 5.57 -1.16 -5.40
CA SER A 47 6.31 -2.43 -5.23
C SER A 47 5.37 -3.37 -4.52
N GLY A 48 5.07 -4.53 -5.14
CA GLY A 48 4.18 -5.48 -4.47
C GLY A 48 4.72 -6.89 -4.36
N ARG A 49 4.13 -7.64 -3.46
CA ARG A 49 4.36 -9.09 -3.44
C ARG A 49 3.12 -9.79 -2.95
N VAL A 50 2.99 -11.04 -3.40
CA VAL A 50 1.92 -11.93 -2.89
C VAL A 50 2.59 -13.04 -2.08
N VAL A 51 2.23 -13.14 -0.82
CA VAL A 51 2.69 -14.23 0.07
C VAL A 51 1.54 -15.22 0.21
N MET A 52 1.84 -16.49 0.02
CA MET A 52 0.84 -17.55 0.18
C MET A 52 1.24 -18.39 1.38
N LYS A 53 0.31 -18.61 2.28
CA LYS A 53 0.51 -19.53 3.43
C LYS A 53 -0.56 -20.59 3.27
N SER A 54 -0.17 -21.86 3.09
CA SER A 54 -1.19 -22.91 2.90
C SER A 54 -0.91 -24.15 3.74
N TYR A 55 -2.01 -24.83 4.07
CA TYR A 55 -2.06 -26.11 4.80
C TYR A 55 -2.94 -26.97 3.91
N LEU A 56 -2.36 -27.49 2.85
CA LEU A 56 -3.11 -28.28 1.86
C LEU A 56 -2.57 -29.72 1.87
N SER A 57 -3.45 -30.70 1.98
CA SER A 57 -3.07 -32.13 1.91
C SER A 57 -2.49 -32.47 0.53
N GLY A 58 -1.51 -33.38 0.50
CA GLY A 58 -1.07 -33.99 -0.77
C GLY A 58 -0.25 -33.03 -1.63
N MET A 59 -0.49 -33.05 -2.93
CA MET A 59 0.33 -32.40 -3.96
C MET A 59 -0.64 -31.60 -4.82
N PRO A 60 -1.22 -30.52 -4.24
CA PRO A 60 -2.25 -29.75 -4.91
C PRO A 60 -1.69 -28.94 -6.09
N GLU A 61 -2.39 -29.04 -7.21
CA GLU A 61 -2.18 -28.23 -8.43
C GLU A 61 -2.97 -26.95 -8.30
N CYS A 62 -2.27 -25.82 -8.24
CA CYS A 62 -2.92 -24.52 -7.95
C CYS A 62 -2.85 -23.58 -9.14
N LYS A 63 -3.81 -22.65 -9.22
CA LYS A 63 -3.80 -21.56 -10.21
C LYS A 63 -4.18 -20.27 -9.52
N PHE A 64 -3.39 -19.21 -9.73
CA PHE A 64 -3.63 -17.91 -9.09
C PHE A 64 -4.12 -16.95 -10.15
N GLY A 65 -5.27 -16.35 -9.89
CA GLY A 65 -5.90 -15.43 -10.81
C GLY A 65 -6.01 -14.05 -10.22
N MET A 66 -5.63 -13.08 -10.99
CA MET A 66 -5.78 -11.67 -10.59
C MET A 66 -6.34 -10.85 -11.74
N ASN A 67 -6.64 -9.58 -11.51
CA ASN A 67 -7.20 -8.66 -12.52
C ASN A 67 -6.10 -8.05 -13.41
N ASP A 68 -5.27 -8.89 -14.00
CA ASP A 68 -4.24 -8.52 -15.01
C ASP A 68 -4.94 -8.08 -16.33
N LYS A 69 -4.69 -6.87 -16.83
CA LYS A 69 -5.23 -6.35 -18.13
C LYS A 69 -5.23 -7.38 -19.27
N ILE A 70 -4.13 -8.13 -19.40
CA ILE A 70 -3.89 -9.11 -20.52
C ILE A 70 -4.99 -10.18 -20.53
N VAL A 71 -5.49 -10.60 -19.37
CA VAL A 71 -6.53 -11.68 -19.31
C VAL A 71 -7.93 -11.07 -19.29
N ILE A 72 -8.07 -9.78 -18.91
CA ILE A 72 -9.37 -9.05 -18.78
C ILE A 72 -9.43 -7.97 -19.88
N GLU A 73 -9.13 -8.33 -21.13
CA GLU A 73 -9.29 -7.43 -22.31
C GLU A 73 -9.20 -8.27 -23.59
N GLN A 89 -12.34 -3.42 -14.01
CA GLN A 89 -11.14 -2.76 -13.42
C GLN A 89 -9.94 -3.73 -13.42
N SER A 90 -9.02 -3.59 -14.37
CA SER A 90 -7.82 -4.46 -14.51
C SER A 90 -6.56 -3.60 -14.48
N ILE A 91 -5.41 -4.21 -14.19
CA ILE A 91 -4.14 -3.49 -13.92
C ILE A 91 -2.99 -3.93 -14.81
N ALA A 92 -2.11 -2.97 -15.09
CA ALA A 92 -0.86 -3.10 -15.85
C ALA A 92 0.29 -3.42 -14.88
N ILE A 93 0.77 -4.64 -14.96
CA ILE A 93 2.03 -5.07 -14.31
C ILE A 93 3.21 -4.67 -15.19
N ASP A 94 4.13 -3.85 -14.70
CA ASP A 94 5.28 -3.45 -15.55
C ASP A 94 6.25 -4.62 -15.64
N ASP A 95 6.51 -5.27 -14.51
CA ASP A 95 7.50 -6.36 -14.41
CA ASP A 95 7.46 -6.38 -14.43
C ASP A 95 7.10 -7.24 -13.22
N CYS A 96 7.34 -8.52 -13.34
CA CYS A 96 7.07 -9.42 -12.21
C CYS A 96 8.00 -10.60 -12.30
N THR A 97 8.23 -11.20 -11.17
CA THR A 97 8.88 -12.52 -11.09
C THR A 97 8.09 -13.39 -10.15
N PHE A 98 8.37 -14.68 -10.24
CA PHE A 98 7.63 -15.69 -9.49
C PHE A 98 8.58 -16.62 -8.79
N HIS A 99 8.07 -17.23 -7.74
CA HIS A 99 8.68 -18.39 -7.06
C HIS A 99 9.00 -19.46 -8.12
N GLN A 100 10.07 -20.20 -7.86
CA GLN A 100 10.51 -21.28 -8.78
C GLN A 100 9.38 -22.28 -9.03
N CYS A 101 8.44 -22.46 -8.12
CA CYS A 101 7.32 -23.45 -8.32
C CYS A 101 6.43 -23.07 -9.51
N VAL A 102 6.40 -21.83 -9.96
CA VAL A 102 5.49 -21.38 -11.03
C VAL A 102 6.01 -21.83 -12.40
N ARG A 103 5.10 -22.32 -13.24
CA ARG A 103 5.40 -22.77 -14.62
C ARG A 103 5.51 -21.56 -15.53
N LEU A 104 6.73 -21.07 -15.77
CA LEU A 104 6.91 -19.81 -16.56
C LEU A 104 6.43 -19.98 -17.99
N SER A 105 6.56 -21.18 -18.57
CA SER A 105 6.12 -21.46 -19.95
C SER A 105 4.63 -21.11 -20.09
N LYS A 106 3.82 -21.46 -19.11
CA LYS A 106 2.36 -21.25 -19.16
C LYS A 106 2.06 -19.77 -18.92
N PHE A 107 2.83 -19.08 -18.07
CA PHE A 107 2.67 -17.61 -17.90
C PHE A 107 3.01 -16.87 -19.22
N ASP A 108 4.09 -17.27 -19.89
CA ASP A 108 4.46 -16.69 -21.22
C ASP A 108 3.35 -17.03 -22.25
N SER A 109 2.93 -18.28 -22.36
CA SER A 109 2.01 -18.74 -23.44
C SER A 109 0.55 -18.32 -23.16
N GLU A 110 0.04 -18.44 -21.91
CA GLU A 110 -1.40 -18.23 -21.56
C GLU A 110 -1.62 -17.06 -20.60
N ARG A 111 -0.59 -16.57 -19.91
CA ARG A 111 -0.74 -15.58 -18.81
C ARG A 111 -1.45 -16.27 -17.65
N SER A 112 -1.24 -17.55 -17.54
CA SER A 112 -1.76 -18.36 -16.41
C SER A 112 -0.64 -18.53 -15.37
N ILE A 113 -0.99 -18.49 -14.09
CA ILE A 113 -0.03 -18.69 -12.98
C ILE A 113 -0.37 -20.02 -12.31
N SER A 114 0.42 -21.05 -12.63
CA SER A 114 0.13 -22.46 -12.30
C SER A 114 1.31 -23.07 -11.54
N PHE A 115 1.07 -23.78 -10.43
CA PHE A 115 2.15 -24.24 -9.54
C PHE A 115 1.61 -25.30 -8.59
N ILE A 116 2.48 -26.19 -8.15
CA ILE A 116 2.34 -26.92 -6.88
C ILE A 116 3.14 -26.17 -5.82
N PRO A 117 2.48 -25.57 -4.81
CA PRO A 117 3.21 -24.76 -3.85
C PRO A 117 4.04 -25.56 -2.86
N PRO A 118 5.09 -24.93 -2.31
CA PRO A 118 5.65 -25.33 -1.03
C PRO A 118 4.55 -25.40 0.01
N ASP A 119 4.77 -26.24 1.02
CA ASP A 119 3.94 -26.24 2.24
C ASP A 119 4.24 -24.98 3.06
N GLY A 120 3.31 -24.54 3.89
CA GLY A 120 3.51 -23.37 4.77
C GLY A 120 3.60 -22.09 3.97
N GLU A 121 4.54 -21.21 4.32
CA GLU A 121 4.55 -19.82 3.81
C GLU A 121 5.61 -19.66 2.72
N PHE A 122 5.28 -18.99 1.61
CA PHE A 122 6.30 -18.65 0.61
C PHE A 122 5.84 -17.41 -0.15
N GLU A 123 6.77 -16.78 -0.83
CA GLU A 123 6.50 -15.60 -1.68
C GLU A 123 6.20 -16.08 -3.09
N LEU A 124 4.93 -16.02 -3.49
CA LEU A 124 4.51 -16.51 -4.82
C LEU A 124 5.00 -15.58 -5.92
N MET A 125 4.89 -14.24 -5.74
CA MET A 125 5.12 -13.33 -6.88
C MET A 125 5.59 -11.99 -6.30
N ARG A 126 6.42 -11.30 -7.05
CA ARG A 126 6.79 -9.90 -6.73
C ARG A 126 6.63 -9.12 -8.01
N TYR A 127 6.17 -7.84 -7.89
CA TYR A 127 5.78 -7.08 -9.08
C TYR A 127 5.96 -5.58 -8.80
N ARG A 128 5.92 -4.85 -9.88
CA ARG A 128 6.08 -3.38 -9.87
C ARG A 128 5.08 -2.80 -10.84
N THR A 129 4.40 -1.70 -10.46
CA THR A 129 3.47 -0.98 -11.34
C THR A 129 3.76 0.53 -11.24
N THR A 130 3.46 1.20 -12.32
CA THR A 130 3.58 2.67 -12.43
C THR A 130 2.30 3.30 -12.96
N LYS A 131 1.41 2.58 -13.63
CA LYS A 131 0.24 3.18 -14.30
C LYS A 131 -1.02 3.00 -13.47
N ASP A 132 -1.86 4.03 -13.49
CA ASP A 132 -3.21 4.06 -12.90
C ASP A 132 -3.12 3.65 -11.42
N ILE A 133 -2.13 4.14 -10.72
CA ILE A 133 -1.97 3.89 -9.26
C ILE A 133 -3.07 4.64 -8.52
N ILE A 134 -3.64 4.04 -7.48
CA ILE A 134 -4.53 4.77 -6.56
C ILE A 134 -3.63 5.43 -5.53
N LEU A 135 -3.49 6.75 -5.62
CA LEU A 135 -2.71 7.51 -4.62
C LEU A 135 -3.63 7.71 -3.42
N PRO A 136 -3.45 7.00 -2.28
CA PRO A 136 -4.55 6.98 -1.32
C PRO A 136 -4.80 8.32 -0.65
N PHE A 137 -3.78 9.18 -0.58
CA PHE A 137 -3.94 10.52 -0.01
C PHE A 137 -3.47 11.59 -0.99
N ARG A 138 -4.23 12.68 -1.04
CA ARG A 138 -3.83 13.92 -1.74
C ARG A 138 -3.48 14.92 -0.65
N VAL A 139 -2.30 15.48 -0.76
CA VAL A 139 -1.70 16.46 0.17
C VAL A 139 -1.73 17.81 -0.54
N ILE A 140 -2.40 18.77 0.09
CA ILE A 140 -2.59 20.14 -0.50
C ILE A 140 -1.99 21.15 0.46
N PRO A 141 -0.73 21.56 0.24
CA PRO A 141 -0.07 22.53 1.10
C PRO A 141 -0.35 23.98 0.72
N LEU A 142 -0.23 24.88 1.71
CA LEU A 142 -0.39 26.34 1.48
C LEU A 142 0.60 27.00 2.41
N VAL A 143 1.57 27.71 1.83
CA VAL A 143 2.62 28.35 2.63
C VAL A 143 2.56 29.85 2.32
N ARG A 144 2.43 30.66 3.36
CA ARG A 144 2.43 32.15 3.24
C ARG A 144 3.65 32.63 4.04
N GLU A 145 4.63 33.24 3.36
CA GLU A 145 5.78 33.94 3.98
C GLU A 145 5.27 35.33 4.33
N VAL A 146 5.10 35.62 5.62
CA VAL A 146 4.55 36.91 6.14
C VAL A 146 5.70 37.68 6.84
N GLY A 147 5.98 38.91 6.37
CA GLY A 147 7.18 39.64 6.80
C GLY A 147 8.42 38.79 6.50
N ARG A 148 9.43 38.88 7.36
CA ARG A 148 10.60 37.97 7.32
C ARG A 148 10.67 37.20 8.65
N THR A 149 9.66 37.31 9.52
CA THR A 149 9.66 36.68 10.88
C THR A 149 8.48 35.69 11.07
N LYS A 150 7.67 35.44 10.04
CA LYS A 150 6.47 34.58 10.22
C LYS A 150 6.24 33.72 8.97
N LEU A 151 5.95 32.44 9.18
CA LEU A 151 5.46 31.53 8.11
C LEU A 151 4.08 31.04 8.55
N GLU A 152 3.09 31.08 7.66
CA GLU A 152 1.84 30.33 7.83
C GLU A 152 1.92 29.08 6.95
N VAL A 153 1.66 27.94 7.54
CA VAL A 153 1.76 26.64 6.80
C VAL A 153 0.45 25.92 7.08
N LYS A 154 -0.30 25.64 6.03
CA LYS A 154 -1.54 24.87 6.16
C LYS A 154 -1.40 23.67 5.25
N VAL A 155 -1.94 22.55 5.68
CA VAL A 155 -2.00 21.36 4.81
C VAL A 155 -3.39 20.77 4.94
N VAL A 156 -3.98 20.51 3.81
CA VAL A 156 -5.17 19.63 3.74
C VAL A 156 -4.74 18.24 3.26
N ILE A 157 -5.27 17.19 3.88
CA ILE A 157 -5.17 15.83 3.34
C ILE A 157 -6.57 15.36 2.97
N LYS A 158 -6.65 14.65 1.88
CA LYS A 158 -7.89 14.03 1.39
C LYS A 158 -7.68 12.54 1.14
N SER A 159 -8.55 11.72 1.71
CA SER A 159 -8.49 10.26 1.55
C SER A 159 -9.23 9.92 0.26
N ASN A 160 -8.51 9.33 -0.69
CA ASN A 160 -9.01 9.04 -2.05
C ASN A 160 -9.25 7.53 -2.17
N PHE A 161 -10.28 7.00 -1.53
CA PHE A 161 -10.61 5.57 -1.58
C PHE A 161 -12.01 5.43 -1.03
N LYS A 162 -12.54 4.22 -1.10
CA LYS A 162 -13.98 3.98 -0.74
C LYS A 162 -14.26 4.40 0.69
N PRO A 163 -15.44 5.02 0.94
CA PRO A 163 -15.82 5.44 2.28
C PRO A 163 -15.91 4.31 3.31
N SER A 164 -16.06 3.06 2.85
CA SER A 164 -16.19 1.90 3.76
C SER A 164 -14.82 1.43 4.27
N LEU A 165 -13.71 1.95 3.72
CA LEU A 165 -12.36 1.53 4.15
C LEU A 165 -11.73 2.58 5.05
N LEU A 166 -10.94 2.15 6.03
CA LEU A 166 -10.25 3.01 6.99
C LEU A 166 -8.76 2.91 6.71
N ALA A 167 -8.12 4.03 6.49
CA ALA A 167 -6.64 4.14 6.61
C ALA A 167 -6.29 4.15 8.10
N GLN A 168 -5.12 3.66 8.43
CA GLN A 168 -4.63 3.79 9.82
C GLN A 168 -3.17 4.22 9.89
N LYS A 169 -2.72 4.57 11.08
CA LYS A 169 -1.29 4.89 11.32
C LYS A 169 -0.86 6.02 10.39
N ILE A 170 -1.70 7.05 10.32
CA ILE A 170 -1.45 8.21 9.43
C ILE A 170 -0.52 9.18 10.13
N GLU A 171 0.55 9.56 9.44
CA GLU A 171 1.52 10.58 9.92
C GLU A 171 1.79 11.53 8.77
N VAL A 172 1.74 12.83 9.02
CA VAL A 172 2.11 13.88 8.06
C VAL A 172 3.26 14.66 8.69
N ARG A 173 4.39 14.71 8.01
CA ARG A 173 5.61 15.36 8.54
C ARG A 173 5.84 16.62 7.71
N ILE A 174 5.77 17.77 8.37
CA ILE A 174 5.90 19.10 7.73
C ILE A 174 7.21 19.72 8.20
N PRO A 175 8.16 19.91 7.30
CA PRO A 175 9.48 20.42 7.71
C PRO A 175 9.36 21.88 8.16
N THR A 176 10.20 22.22 9.14
CA THR A 176 10.32 23.62 9.64
C THR A 176 11.74 24.14 9.37
N PRO A 177 11.85 25.47 9.17
CA PRO A 177 13.16 26.10 9.03
C PRO A 177 14.06 25.99 10.26
N LEU A 178 15.37 26.05 10.01
CA LEU A 178 16.42 25.91 11.04
C LEU A 178 16.44 27.16 11.93
N ASN A 179 15.87 28.29 11.48
CA ASN A 179 15.74 29.53 12.30
C ASN A 179 14.30 29.64 12.86
N THR A 180 13.62 28.51 13.11
CA THR A 180 12.32 28.54 13.85
C THR A 180 12.53 29.01 15.28
N SER A 181 11.77 30.03 15.67
CA SER A 181 11.71 30.58 17.04
C SER A 181 10.67 29.80 17.85
N GLY A 182 9.48 29.60 17.28
CA GLY A 182 8.37 28.94 17.98
C GLY A 182 7.31 28.52 16.98
N VAL A 183 6.47 27.57 17.40
CA VAL A 183 5.36 27.09 16.53
C VAL A 183 4.10 27.10 17.36
N GLN A 184 3.02 27.58 16.76
CA GLN A 184 1.67 27.30 17.24
C GLN A 184 0.99 26.47 16.17
N VAL A 185 0.29 25.43 16.57
CA VAL A 185 -0.30 24.53 15.55
C VAL A 185 -1.56 23.90 16.13
N ILE A 186 -2.61 23.84 15.31
CA ILE A 186 -3.84 23.08 15.61
C ILE A 186 -4.22 22.28 14.37
N CYS A 187 -5.01 21.26 14.59
CA CYS A 187 -5.50 20.43 13.47
C CYS A 187 -6.94 20.01 13.74
N MET A 188 -7.66 19.66 12.68
CA MET A 188 -9.10 19.36 12.72
C MET A 188 -9.39 17.92 13.15
N LYS A 189 -8.39 17.06 13.11
CA LYS A 189 -8.50 15.64 13.52
C LYS A 189 -7.12 15.20 13.94
N GLY A 190 -7.03 14.30 14.92
CA GLY A 190 -5.72 13.81 15.38
C GLY A 190 -4.99 14.82 16.24
N LYS A 191 -3.67 14.69 16.28
CA LYS A 191 -2.80 15.48 17.19
C LYS A 191 -1.57 15.90 16.42
N ALA A 192 -1.05 17.09 16.71
CA ALA A 192 0.13 17.57 16.03
C ALA A 192 1.11 18.16 17.05
N LYS A 193 2.38 17.99 16.77
CA LYS A 193 3.42 18.50 17.67
C LYS A 193 4.58 19.02 16.84
N TYR A 194 5.17 20.14 17.24
CA TYR A 194 6.46 20.60 16.74
C TYR A 194 7.57 19.83 17.46
N LYS A 195 8.42 19.15 16.70
CA LYS A 195 9.60 18.42 17.21
C LYS A 195 10.85 19.16 16.75
N ALA A 196 11.37 20.06 17.60
CA ALA A 196 12.52 20.91 17.23
C ALA A 196 13.70 20.01 16.84
N SER A 197 13.91 18.93 17.61
CA SER A 197 15.01 17.96 17.36
C SER A 197 14.95 17.47 15.93
N GLU A 198 13.75 17.37 15.34
CA GLU A 198 13.60 16.81 13.97
C GLU A 198 13.31 17.89 12.95
N ASN A 199 13.29 19.17 13.35
CA ASN A 199 12.88 20.28 12.46
C ASN A 199 11.62 19.90 11.67
N ALA A 200 10.61 19.48 12.39
CA ALA A 200 9.33 19.07 11.76
C ALA A 200 8.19 19.30 12.72
N ILE A 201 7.04 19.53 12.08
CA ILE A 201 5.72 19.36 12.72
C ILE A 201 5.22 17.96 12.34
N VAL A 202 4.86 17.20 13.34
CA VAL A 202 4.41 15.80 13.14
C VAL A 202 2.93 15.73 13.52
N TRP A 203 2.11 15.35 12.53
CA TRP A 203 0.63 15.25 12.68
C TRP A 203 0.24 13.79 12.58
N LYS A 204 -0.38 13.28 13.62
CA LYS A 204 -0.76 11.84 13.65
C LYS A 204 -2.26 11.71 13.72
N ILE A 205 -2.81 10.83 12.88
CA ILE A 205 -4.25 10.50 12.90
C ILE A 205 -4.36 8.97 13.00
N LYS A 206 -5.12 8.49 13.96
CA LYS A 206 -5.19 7.01 14.20
C LYS A 206 -5.96 6.32 13.06
N ARG A 207 -7.04 6.91 12.59
CA ARG A 207 -7.93 6.28 11.60
C ARG A 207 -8.57 7.35 10.77
N MET A 208 -8.78 7.08 9.48
CA MET A 208 -9.51 8.01 8.60
C MET A 208 -10.17 7.23 7.49
N ALA A 209 -11.49 7.40 7.35
CA ALA A 209 -12.27 6.70 6.32
C ALA A 209 -11.98 7.35 4.97
N GLY A 210 -12.30 6.65 3.90
CA GLY A 210 -12.26 7.20 2.55
C GLY A 210 -13.24 8.35 2.32
N MET A 211 -12.84 9.22 1.40
CA MET A 211 -13.64 10.36 0.89
C MET A 211 -13.84 11.31 2.07
N LYS A 212 -12.80 11.45 2.87
CA LYS A 212 -12.79 12.43 3.96
C LYS A 212 -11.65 13.42 3.75
N GLU A 213 -11.64 14.46 4.58
CA GLU A 213 -10.56 15.46 4.50
C GLU A 213 -10.31 16.01 5.88
N SER A 214 -9.09 16.46 6.11
CA SER A 214 -8.74 17.17 7.35
C SER A 214 -7.72 18.23 7.04
N GLN A 215 -7.38 18.99 8.08
CA GLN A 215 -6.52 20.19 7.89
C GLN A 215 -5.72 20.41 9.15
N ILE A 216 -4.50 20.88 8.93
CA ILE A 216 -3.57 21.40 9.95
C ILE A 216 -3.17 22.82 9.57
N SER A 217 -3.06 23.67 10.60
CA SER A 217 -2.64 25.06 10.41
C SER A 217 -1.57 25.38 11.45
N ALA A 218 -0.42 25.86 10.98
CA ALA A 218 0.71 26.22 11.86
C ALA A 218 1.08 27.68 11.59
N GLU A 219 1.43 28.38 12.67
CA GLU A 219 2.09 29.71 12.58
C GLU A 219 3.51 29.52 13.12
N ILE A 220 4.51 29.71 12.26
CA ILE A 220 5.95 29.53 12.60
C ILE A 220 6.55 30.92 12.74
N GLU A 221 6.90 31.28 13.96
CA GLU A 221 7.71 32.48 14.28
C GLU A 221 9.17 32.18 13.90
N LEU A 222 9.81 33.10 13.18
CA LEU A 222 11.19 32.94 12.67
C LEU A 222 12.13 33.91 13.41
N LEU A 223 13.36 33.50 13.63
CA LEU A 223 14.40 34.42 14.17
C LEU A 223 14.87 35.30 12.99
N PRO A 224 14.89 36.63 13.18
CA PRO A 224 15.34 37.53 12.13
C PRO A 224 16.82 37.22 11.79
N THR A 225 17.14 37.12 10.51
CA THR A 225 18.53 37.05 9.98
C THR A 225 18.75 38.19 8.96
N ASN A 226 19.96 38.30 8.39
CA ASN A 226 20.23 39.26 7.29
C ASN A 226 19.51 38.66 6.07
N ASP A 227 19.80 39.11 4.84
CA ASP A 227 19.37 38.39 3.59
C ASP A 227 17.96 38.86 3.19
N TRP A 231 12.65 30.48 2.02
CA TRP A 231 13.12 29.25 2.73
C TRP A 231 13.26 28.12 1.71
N ALA A 232 14.22 27.20 1.97
CA ALA A 232 14.65 26.00 1.18
C ALA A 232 13.91 24.72 1.61
N ARG A 233 12.66 24.54 1.19
CA ARG A 233 11.72 23.58 1.81
C ARG A 233 11.94 22.14 1.34
N PRO A 234 12.22 21.20 2.26
CA PRO A 234 12.00 19.79 1.97
C PRO A 234 10.51 19.54 1.69
N PRO A 235 10.21 18.33 1.21
CA PRO A 235 8.82 17.99 0.92
C PRO A 235 8.07 17.65 2.21
N ILE A 236 6.74 17.62 2.10
CA ILE A 236 5.88 17.08 3.19
C ILE A 236 5.76 15.57 2.94
N SER A 237 6.06 14.78 3.94
CA SER A 237 6.01 13.31 3.74
C SER A 237 4.85 12.71 4.53
N MET A 238 4.32 11.58 4.04
CA MET A 238 3.27 10.88 4.80
C MET A 238 3.70 9.45 5.07
N ASN A 239 3.22 8.95 6.17
CA ASN A 239 3.13 7.50 6.44
C ASN A 239 1.65 7.15 6.53
N PHE A 240 1.29 5.93 6.09
CA PHE A 240 -0.06 5.42 6.27
C PHE A 240 -0.09 3.92 5.93
N GLU A 241 -1.15 3.28 6.40
CA GLU A 241 -1.50 1.91 5.98
C GLU A 241 -2.97 1.92 5.51
N VAL A 242 -3.22 1.29 4.38
CA VAL A 242 -4.58 1.18 3.82
C VAL A 242 -4.87 -0.29 3.54
N PRO A 243 -6.15 -0.67 3.68
CA PRO A 243 -6.57 -2.06 3.53
C PRO A 243 -6.97 -2.39 2.10
N PHE A 244 -6.15 -1.96 1.13
CA PHE A 244 -6.33 -2.26 -0.29
C PHE A 244 -4.95 -2.16 -0.97
N ALA A 245 -4.88 -2.64 -2.19
CA ALA A 245 -3.68 -2.56 -3.07
C ALA A 245 -3.75 -1.26 -3.84
N PRO A 246 -2.86 -0.29 -3.57
CA PRO A 246 -2.86 0.92 -4.42
C PRO A 246 -2.50 0.67 -5.88
N SER A 247 -1.94 -0.49 -6.21
CA SER A 247 -1.74 -0.87 -7.64
C SER A 247 -3.09 -1.01 -8.33
N GLY A 248 -4.13 -1.35 -7.59
CA GLY A 248 -5.43 -1.79 -8.16
C GLY A 248 -5.58 -3.31 -8.23
N LEU A 249 -4.55 -4.04 -7.80
CA LEU A 249 -4.57 -5.51 -7.84
C LEU A 249 -5.76 -6.05 -7.02
N LYS A 250 -6.50 -6.96 -7.63
CA LYS A 250 -7.52 -7.76 -6.93
C LYS A 250 -7.26 -9.24 -7.22
N VAL A 251 -7.29 -10.04 -6.19
CA VAL A 251 -7.21 -11.51 -6.35
C VAL A 251 -8.59 -11.99 -6.84
N ARG A 252 -8.61 -12.70 -7.94
CA ARG A 252 -9.90 -13.20 -8.50
C ARG A 252 -10.13 -14.65 -8.06
N TYR A 253 -9.10 -15.47 -7.98
CA TYR A 253 -9.26 -16.89 -7.57
C TYR A 253 -7.94 -17.51 -7.17
N LEU A 254 -8.03 -18.61 -6.44
CA LEU A 254 -6.92 -19.54 -6.17
C LEU A 254 -7.54 -20.93 -6.31
N LYS A 255 -7.47 -21.46 -7.52
CA LYS A 255 -8.04 -22.81 -7.85
C LYS A 255 -7.11 -23.86 -7.26
N VAL A 256 -7.69 -24.90 -6.68
CA VAL A 256 -6.93 -26.04 -6.13
C VAL A 256 -7.54 -27.35 -6.66
N PHE A 257 -6.67 -28.23 -7.15
CA PHE A 257 -7.06 -29.62 -7.53
C PHE A 257 -6.00 -30.59 -7.05
N GLU A 258 -6.42 -31.60 -6.26
CA GLU A 258 -5.51 -32.67 -5.78
C GLU A 258 -6.07 -33.98 -6.38
N PRO A 259 -5.43 -34.54 -7.43
CA PRO A 259 -6.00 -35.63 -8.23
C PRO A 259 -6.11 -36.98 -7.48
N LYS A 260 -5.18 -37.31 -6.59
CA LYS A 260 -5.20 -38.60 -5.86
C LYS A 260 -6.22 -38.50 -4.73
N LEU A 261 -6.17 -37.42 -3.95
CA LEU A 261 -7.07 -37.22 -2.79
C LEU A 261 -8.46 -36.79 -3.30
N ASN A 262 -8.54 -36.39 -4.56
CA ASN A 262 -9.76 -35.84 -5.21
C ASN A 262 -10.48 -34.82 -4.29
N TYR A 263 -9.83 -33.70 -3.94
CA TYR A 263 -10.51 -32.53 -3.33
C TYR A 263 -10.26 -31.36 -4.30
N SER A 264 -11.20 -30.41 -4.31
CA SER A 264 -11.15 -29.19 -5.13
C SER A 264 -11.34 -28.01 -4.22
N ASP A 265 -11.51 -26.86 -4.88
CA ASP A 265 -11.81 -25.52 -4.34
C ASP A 265 -12.78 -25.61 -3.21
N HIS A 266 -13.88 -26.31 -3.45
CA HIS A 266 -15.10 -26.27 -2.62
C HIS A 266 -14.72 -26.84 -1.28
N ASP A 267 -13.70 -27.71 -1.25
CA ASP A 267 -13.18 -28.37 -0.04
C ASP A 267 -12.14 -27.49 0.68
N VAL A 268 -11.76 -26.33 0.13
CA VAL A 268 -10.60 -25.57 0.69
C VAL A 268 -11.16 -24.26 1.22
N ILE A 269 -10.71 -23.88 2.41
CA ILE A 269 -11.10 -22.60 3.01
C ILE A 269 -10.03 -21.57 2.62
N LYS A 270 -10.47 -20.50 1.96
CA LYS A 270 -9.51 -19.57 1.30
C LYS A 270 -9.74 -18.13 1.75
N TRP A 271 -8.65 -17.45 2.09
CA TRP A 271 -8.69 -16.07 2.61
C TRP A 271 -7.70 -15.20 1.85
N VAL A 272 -8.02 -13.90 1.76
CA VAL A 272 -7.11 -12.90 1.15
C VAL A 272 -7.11 -11.64 2.02
N ARG A 273 -5.93 -11.06 2.17
CA ARG A 273 -5.79 -9.77 2.90
C ARG A 273 -4.97 -8.83 2.01
N TYR A 274 -5.35 -7.57 2.01
CA TYR A 274 -4.58 -6.53 1.31
C TYR A 274 -4.03 -5.54 2.32
N ILE A 275 -2.73 -5.33 2.27
CA ILE A 275 -2.08 -4.25 3.10
C ILE A 275 -1.25 -3.39 2.17
N GLY A 276 -1.67 -2.13 2.03
CA GLY A 276 -0.99 -1.09 1.28
C GLY A 276 -0.31 -0.14 2.27
N ARG A 277 0.98 0.03 2.14
CA ARG A 277 1.71 0.95 3.02
C ARG A 277 2.39 2.03 2.19
N SER A 278 2.52 3.23 2.76
CA SER A 278 3.38 4.25 2.16
C SER A 278 4.82 3.69 2.09
N GLY A 279 5.53 4.07 1.05
CA GLY A 279 6.99 3.98 1.00
C GLY A 279 7.54 5.40 1.21
N ILE A 280 8.10 5.98 0.17
CA ILE A 280 8.49 7.40 0.14
C ILE A 280 7.36 8.11 -0.55
N TYR A 281 6.58 8.88 0.22
CA TYR A 281 5.30 9.47 -0.25
C TYR A 281 5.35 10.98 0.04
N GLU A 282 5.88 11.71 -0.93
CA GLU A 282 6.36 13.10 -0.73
C GLU A 282 5.55 14.03 -1.62
N THR A 283 5.20 15.20 -1.04
CA THR A 283 4.53 16.29 -1.76
C THR A 283 5.32 17.57 -1.51
N ARG A 284 5.91 18.10 -2.56
CA ARG A 284 6.69 19.35 -2.43
C ARG A 284 5.71 20.49 -2.11
N CYS A 285 6.19 21.49 -1.37
CA CYS A 285 5.38 22.68 -1.02
C CYS A 285 6.07 23.92 -1.58
N ASP B 2 -5.70 -8.17 13.54
CA ASP B 2 -7.03 -7.71 13.11
C ASP B 2 -7.58 -8.71 12.08
N LEU B 3 -8.39 -9.63 12.58
CA LEU B 3 -8.92 -10.67 11.71
C LEU B 3 -9.97 -10.11 10.77
N LEU B 4 -10.52 -8.91 11.02
CA LEU B 4 -11.53 -8.37 10.09
C LEU B 4 -10.87 -8.02 8.73
N ALA B 5 -9.55 -7.95 8.67
CA ALA B 5 -8.84 -7.62 7.41
C ALA B 5 -8.86 -8.83 6.45
N TRP B 6 -9.21 -10.03 6.93
CA TRP B 6 -9.21 -11.24 6.05
C TRP B 6 -10.56 -11.34 5.38
N ASP B 7 -10.54 -11.37 4.06
CA ASP B 7 -11.75 -11.56 3.24
C ASP B 7 -11.77 -12.97 2.73
N PRO B 8 -12.97 -13.53 2.58
CA PRO B 8 -13.09 -14.84 2.00
C PRO B 8 -12.86 -14.81 0.50
N LEU B 9 -12.30 -15.88 -0.04
CA LEU B 9 -12.25 -16.07 -1.49
C LEU B 9 -13.20 -17.22 -1.83
N PHE B 10 -14.30 -16.87 -2.47
CA PHE B 10 -15.36 -17.84 -2.85
C PHE B 10 -15.22 -18.10 -4.35
N GLY B 11 -15.69 -19.24 -4.82
CA GLY B 11 -15.43 -19.77 -6.18
C GLY B 11 -14.07 -20.45 -6.23
#